data_5END
#
_entry.id   5END
#
_cell.length_a   63.995
_cell.length_b   63.995
_cell.length_c   190.474
_cell.angle_alpha   90.000
_cell.angle_beta   90.000
_cell.angle_gamma   120.000
#
_symmetry.space_group_name_H-M   'P 62'
#
loop_
_entity.id
_entity.type
_entity.pdbx_description
1 polymer '3-oxoacyl-[acyl-carrier-protein] reductase FabG'
2 non-polymer GLYCEROL
3 water water
#
_entity_poly.entity_id   1
_entity_poly.type   'polypeptide(L)'
_entity_poly.pdbx_seq_one_letter_code
;MSQFMNLEGKVALVTGASRGIGKAIAELLAERGAKVIGTATSESGAQAISDYLGDNGKGMALNVTNPESIEAVLKAITDE
FGGVDILVNNAGITRDNLLMRMKEEEWSDIMETNLTSIFRLSKAVLRGMMKKRQGRIINVGSVVGTMGNAGAANYAAAKA
GVIGFTKSMAREVASRGVTVNTVAPGFIETDMTKALNDEQRTATLAQVPAGRLGDPREIASAVAFLASPEAAYITGETLH
VNGGMYMI
;
_entity_poly.pdbx_strand_id   A,B
#
loop_
_chem_comp.id
_chem_comp.type
_chem_comp.name
_chem_comp.formula
GOL non-polymer GLYCEROL 'C3 H8 O3'
#
# COMPACT_ATOMS: atom_id res chain seq x y z
N GLN A 3 7.45 -1.74 17.56
CA GLN A 3 6.06 -2.20 17.28
C GLN A 3 5.59 -1.90 15.83
N PHE A 4 5.88 -0.69 15.33
CA PHE A 4 5.40 -0.22 14.03
C PHE A 4 6.05 -0.92 12.82
N MET A 5 5.27 -1.80 12.18
CA MET A 5 5.61 -2.58 10.97
C MET A 5 6.74 -3.58 11.20
N ASN A 6 6.68 -4.17 12.38
CA ASN A 6 7.70 -5.06 12.82
C ASN A 6 7.26 -6.44 12.44
N LEU A 7 8.18 -7.22 11.86
CA LEU A 7 7.93 -8.59 11.46
C LEU A 7 8.62 -9.60 12.35
N GLU A 8 9.27 -9.14 13.42
CA GLU A 8 9.74 -10.03 14.47
C GLU A 8 8.67 -11.09 14.81
N GLY A 9 9.07 -12.35 14.82
CA GLY A 9 8.16 -13.45 15.12
C GLY A 9 7.46 -14.01 13.90
N LYS A 10 7.74 -13.47 12.72
CA LYS A 10 7.16 -13.98 11.46
C LYS A 10 8.16 -14.78 10.68
N VAL A 11 7.66 -15.82 10.06
CA VAL A 11 8.42 -16.68 9.15
C VAL A 11 7.96 -16.39 7.70
N ALA A 12 8.88 -15.89 6.88
CA ALA A 12 8.57 -15.47 5.51
C ALA A 12 9.21 -16.36 4.49
N LEU A 13 8.40 -16.89 3.57
CA LEU A 13 8.88 -17.69 2.45
C LEU A 13 8.85 -16.85 1.16
N VAL A 14 10.04 -16.55 0.65
CA VAL A 14 10.21 -15.73 -0.56
C VAL A 14 10.74 -16.61 -1.72
N THR A 15 9.90 -16.83 -2.73
CA THR A 15 10.34 -17.60 -3.89
C THR A 15 11.14 -16.69 -4.79
N GLY A 16 12.10 -17.25 -5.51
CA GLY A 16 12.86 -16.48 -6.48
C GLY A 16 13.77 -15.46 -5.84
N ALA A 17 14.35 -15.82 -4.69
CA ALA A 17 15.13 -14.93 -3.81
C ALA A 17 16.60 -14.69 -4.19
N SER A 18 17.07 -15.33 -5.27
CA SER A 18 18.49 -15.26 -5.68
C SER A 18 19.00 -13.86 -6.05
N ARG A 19 18.17 -13.06 -6.72
CA ARG A 19 18.60 -11.76 -7.23
C ARG A 19 17.47 -10.76 -7.44
N GLY A 20 17.86 -9.51 -7.68
CA GLY A 20 16.93 -8.45 -8.04
C GLY A 20 15.81 -8.19 -7.02
N ILE A 21 14.57 -8.32 -7.50
CA ILE A 21 13.35 -8.07 -6.72
C ILE A 21 13.18 -9.13 -5.65
N GLY A 22 13.32 -10.40 -6.01
CA GLY A 22 13.23 -11.48 -5.04
C GLY A 22 14.16 -11.25 -3.88
N LYS A 23 15.41 -10.92 -4.21
CA LYS A 23 16.45 -10.62 -3.22
C LYS A 23 16.09 -9.40 -2.38
N ALA A 24 15.79 -8.29 -3.06
CA ALA A 24 15.49 -7.03 -2.35
C ALA A 24 14.35 -7.23 -1.36
N ILE A 25 13.38 -8.09 -1.70
CA ILE A 25 12.29 -8.42 -0.80
C ILE A 25 12.79 -9.18 0.42
N ALA A 26 13.48 -10.28 0.17
CA ALA A 26 14.06 -11.07 1.24
C ALA A 26 14.91 -10.23 2.21
N GLU A 27 15.71 -9.32 1.67
CA GLU A 27 16.59 -8.51 2.51
C GLU A 27 15.80 -7.57 3.38
N LEU A 28 14.79 -6.92 2.83
CA LEU A 28 13.96 -5.99 3.58
C LEU A 28 13.17 -6.67 4.66
N LEU A 29 12.58 -7.82 4.33
CA LEU A 29 11.76 -8.54 5.31
C LEU A 29 12.66 -8.95 6.44
N ALA A 30 13.91 -9.31 6.13
CA ALA A 30 14.94 -9.53 7.17
C ALA A 30 15.21 -8.27 7.99
N GLU A 31 15.46 -7.12 7.37
CA GLU A 31 15.60 -5.86 8.16
C GLU A 31 14.43 -5.63 9.12
N ARG A 32 13.20 -5.92 8.67
CA ARG A 32 12.01 -5.74 9.51
C ARG A 32 11.80 -6.82 10.58
N GLY A 33 12.70 -7.80 10.67
CA GLY A 33 12.72 -8.75 11.77
C GLY A 33 12.21 -10.14 11.47
N ALA A 34 11.76 -10.36 10.22
CA ALA A 34 11.23 -11.64 9.81
C ALA A 34 12.35 -12.63 9.68
N LYS A 35 12.00 -13.91 9.86
CA LYS A 35 12.88 -15.03 9.60
C LYS A 35 12.60 -15.40 8.17
N VAL A 36 13.57 -15.19 7.30
CA VAL A 36 13.35 -15.28 5.86
C VAL A 36 13.92 -16.57 5.32
N ILE A 37 13.07 -17.39 4.73
CA ILE A 37 13.55 -18.52 3.92
C ILE A 37 13.39 -18.11 2.46
N GLY A 38 14.49 -17.73 1.82
CA GLY A 38 14.51 -17.44 0.38
C GLY A 38 14.77 -18.71 -0.41
N THR A 39 14.24 -18.80 -1.64
CA THR A 39 14.35 -20.03 -2.42
C THR A 39 14.87 -19.86 -3.84
N ALA A 40 15.32 -20.97 -4.39
CA ALA A 40 15.95 -21.03 -5.71
C ALA A 40 15.64 -22.39 -6.25
N THR A 41 15.65 -22.54 -7.58
CA THR A 41 15.42 -23.87 -8.20
C THR A 41 16.54 -24.90 -7.98
N SER A 42 17.75 -24.42 -7.63
CA SER A 42 18.94 -25.28 -7.36
C SER A 42 19.50 -25.11 -5.95
N GLU A 43 20.26 -26.11 -5.51
CA GLU A 43 20.95 -26.08 -4.21
C GLU A 43 22.09 -25.06 -4.13
N SER A 44 22.75 -24.76 -5.26
CA SER A 44 23.79 -23.73 -5.29
C SER A 44 23.24 -22.36 -5.03
N GLY A 45 22.13 -22.04 -5.72
CA GLY A 45 21.45 -20.76 -5.57
C GLY A 45 20.97 -20.61 -4.15
N ALA A 46 20.45 -21.70 -3.60
CA ALA A 46 20.03 -21.75 -2.19
C ALA A 46 21.16 -21.41 -1.20
N GLN A 47 22.37 -21.85 -1.51
CA GLN A 47 23.55 -21.50 -0.73
C GLN A 47 23.90 -20.01 -0.84
N ALA A 48 23.79 -19.45 -2.05
CA ALA A 48 24.05 -18.02 -2.26
C ALA A 48 23.09 -17.16 -1.42
N ILE A 49 21.83 -17.63 -1.35
CA ILE A 49 20.78 -17.01 -0.54
C ILE A 49 21.17 -17.10 0.95
N SER A 50 21.50 -18.31 1.41
CA SER A 50 21.98 -18.50 2.79
C SER A 50 23.13 -17.58 3.19
N ASP A 51 24.05 -17.31 2.27
CA ASP A 51 25.20 -16.45 2.59
C ASP A 51 24.82 -14.99 2.80
N TYR A 52 23.89 -14.44 1.99
CA TYR A 52 23.53 -13.01 2.19
C TYR A 52 22.58 -12.80 3.37
N LEU A 53 21.77 -13.80 3.70
CA LEU A 53 20.83 -13.70 4.84
C LEU A 53 21.50 -13.85 6.20
N GLY A 54 22.49 -14.75 6.30
CA GLY A 54 23.22 -14.99 7.54
C GLY A 54 22.29 -15.53 8.62
N ASP A 55 22.29 -14.88 9.80
CA ASP A 55 21.48 -15.33 10.95
C ASP A 55 19.99 -15.05 10.80
N ASN A 56 19.60 -14.23 9.83
CA ASN A 56 18.21 -13.85 9.65
C ASN A 56 17.38 -14.82 8.86
N GLY A 57 18.00 -15.87 8.35
CA GLY A 57 17.30 -16.99 7.73
C GLY A 57 18.22 -17.92 6.96
N LYS A 58 17.71 -18.49 5.86
CA LYS A 58 18.47 -19.37 5.00
C LYS A 58 17.84 -19.60 3.64
N GLY A 59 18.64 -20.18 2.76
CA GLY A 59 18.17 -20.58 1.45
C GLY A 59 17.70 -22.02 1.47
N MET A 60 16.70 -22.31 0.65
CA MET A 60 16.28 -23.67 0.37
C MET A 60 15.99 -23.87 -1.11
N ALA A 61 16.36 -25.02 -1.66
CA ALA A 61 16.05 -25.39 -3.05
C ALA A 61 14.57 -25.75 -3.14
N LEU A 62 13.90 -25.27 -4.18
CA LEU A 62 12.46 -25.50 -4.31
C LEU A 62 12.06 -25.61 -5.76
N ASN A 63 11.32 -26.67 -6.07
CA ASN A 63 10.69 -26.86 -7.36
C ASN A 63 9.17 -26.75 -7.19
N VAL A 64 8.65 -25.56 -7.48
CA VAL A 64 7.19 -25.27 -7.37
C VAL A 64 6.27 -26.08 -8.29
N THR A 65 6.82 -26.65 -9.35
CA THR A 65 6.03 -27.58 -10.19
C THR A 65 5.81 -28.95 -9.53
N ASN A 66 6.56 -29.27 -8.46
CA ASN A 66 6.48 -30.56 -7.80
C ASN A 66 5.84 -30.48 -6.39
N PRO A 67 4.64 -31.08 -6.22
CA PRO A 67 3.98 -31.11 -4.90
C PRO A 67 4.76 -31.73 -3.74
N GLU A 68 5.61 -32.72 -4.01
CA GLU A 68 6.50 -33.31 -2.99
C GLU A 68 7.60 -32.32 -2.56
N SER A 69 8.22 -31.64 -3.52
CA SER A 69 9.23 -30.62 -3.22
C SER A 69 8.62 -29.48 -2.41
N ILE A 70 7.35 -29.19 -2.63
CA ILE A 70 6.62 -28.22 -1.81
C ILE A 70 6.39 -28.77 -0.41
N GLU A 71 5.85 -29.98 -0.31
CA GLU A 71 5.57 -30.60 1.00
C GLU A 71 6.83 -30.63 1.89
N ALA A 72 7.95 -31.04 1.31
CA ALA A 72 9.19 -31.24 2.06
C ALA A 72 9.81 -29.93 2.53
N VAL A 73 9.77 -28.92 1.68
CA VAL A 73 10.25 -27.58 2.06
C VAL A 73 9.43 -26.98 3.24
N LEU A 74 8.11 -27.13 3.18
CA LEU A 74 7.24 -26.63 4.24
C LEU A 74 7.42 -27.38 5.56
N LYS A 75 7.52 -28.70 5.48
CA LYS A 75 7.83 -29.51 6.65
C LYS A 75 9.18 -29.08 7.23
N ALA A 76 10.17 -28.86 6.37
CA ALA A 76 11.50 -28.42 6.82
C ALA A 76 11.47 -27.06 7.51
N ILE A 77 10.66 -26.14 6.97
CA ILE A 77 10.50 -24.82 7.54
C ILE A 77 9.75 -24.93 8.86
N THR A 78 8.63 -25.66 8.87
CA THR A 78 7.91 -25.93 10.11
C THR A 78 8.85 -26.49 11.20
N ASP A 79 9.76 -27.38 10.81
CA ASP A 79 10.70 -28.02 11.73
C ASP A 79 11.79 -27.08 12.31
N GLU A 80 12.38 -26.21 11.51
CA GLU A 80 13.43 -25.31 12.03
C GLU A 80 12.87 -23.97 12.56
N PHE A 81 11.84 -23.43 11.90
CA PHE A 81 11.43 -22.06 12.15
C PHE A 81 10.04 -21.84 12.72
N GLY A 82 9.13 -22.79 12.48
CA GLY A 82 7.69 -22.60 12.69
C GLY A 82 7.03 -22.50 11.31
N GLY A 83 5.70 -22.58 11.28
CA GLY A 83 4.95 -22.49 10.04
C GLY A 83 5.14 -21.16 9.34
N VAL A 84 5.15 -21.17 8.01
CA VAL A 84 5.26 -19.95 7.22
C VAL A 84 4.09 -19.05 7.57
N ASP A 85 4.42 -17.82 7.98
CA ASP A 85 3.42 -16.78 8.26
C ASP A 85 3.20 -15.87 7.06
N ILE A 86 4.24 -15.65 6.25
CA ILE A 86 4.20 -14.75 5.11
C ILE A 86 4.71 -15.48 3.89
N LEU A 87 3.91 -15.50 2.81
CA LEU A 87 4.35 -16.02 1.51
C LEU A 87 4.40 -14.94 0.44
N VAL A 88 5.58 -14.82 -0.17
CA VAL A 88 5.79 -13.89 -1.25
C VAL A 88 6.12 -14.73 -2.47
N ASN A 89 5.23 -14.72 -3.47
CA ASN A 89 5.40 -15.42 -4.75
C ASN A 89 5.95 -14.50 -5.80
N ASN A 90 7.21 -14.70 -6.18
CA ASN A 90 7.89 -13.91 -7.22
C ASN A 90 8.06 -14.57 -8.58
N ALA A 91 7.50 -13.96 -9.64
CA ALA A 91 8.14 -14.03 -11.00
C ALA A 91 8.05 -15.37 -11.75
N MET A 102 6.02 -16.45 -30.93
CA MET A 102 5.69 -17.07 -29.66
C MET A 102 5.13 -18.46 -29.94
N LYS A 103 5.81 -19.49 -29.44
CA LYS A 103 5.40 -20.89 -29.65
C LYS A 103 4.23 -21.26 -28.72
N GLU A 104 3.77 -22.50 -28.82
CA GLU A 104 2.92 -23.12 -27.78
C GLU A 104 3.63 -23.24 -26.42
N GLU A 105 4.96 -23.34 -26.49
CA GLU A 105 5.81 -23.53 -25.33
C GLU A 105 5.97 -22.28 -24.51
N GLU A 106 6.19 -21.12 -25.16
CA GLU A 106 6.40 -19.87 -24.40
C GLU A 106 5.16 -19.60 -23.57
N TRP A 107 4.01 -19.72 -24.19
CA TRP A 107 2.76 -19.66 -23.49
C TRP A 107 2.75 -20.59 -22.28
N SER A 108 2.77 -21.90 -22.53
CA SER A 108 2.54 -22.88 -21.46
C SER A 108 3.56 -22.79 -20.32
N ASP A 109 4.77 -22.35 -20.64
CA ASP A 109 5.83 -21.99 -19.67
C ASP A 109 5.49 -20.75 -18.84
N ILE A 110 5.09 -19.66 -19.48
CA ILE A 110 4.64 -18.48 -18.76
C ILE A 110 3.44 -18.83 -17.86
N MET A 111 2.44 -19.58 -18.38
CA MET A 111 1.30 -19.96 -17.54
C MET A 111 1.74 -20.79 -16.31
N GLU A 112 2.73 -21.67 -16.49
CA GLU A 112 3.23 -22.44 -15.35
C GLU A 112 4.01 -21.55 -14.38
N THR A 113 4.99 -20.80 -14.88
CA THR A 113 5.85 -19.98 -14.01
C THR A 113 5.11 -18.83 -13.34
N ASN A 114 4.30 -18.11 -14.09
CA ASN A 114 3.68 -16.89 -13.58
C ASN A 114 2.25 -17.07 -13.09
N LEU A 115 1.74 -18.29 -13.02
CA LEU A 115 0.32 -18.44 -12.64
C LEU A 115 0.01 -19.70 -11.89
N THR A 116 0.26 -20.85 -12.53
CA THR A 116 -0.02 -22.14 -11.90
C THR A 116 0.85 -22.35 -10.65
N SER A 117 2.11 -22.02 -10.75
CA SER A 117 3.02 -22.15 -9.60
C SER A 117 2.64 -21.22 -8.43
N ILE A 118 2.09 -20.05 -8.77
CA ILE A 118 1.57 -19.07 -7.80
C ILE A 118 0.33 -19.63 -7.10
N PHE A 119 -0.60 -20.24 -7.85
CA PHE A 119 -1.76 -21.00 -7.29
C PHE A 119 -1.35 -22.12 -6.35
N ARG A 120 -0.45 -22.97 -6.81
CA ARG A 120 -0.13 -24.19 -6.09
C ARG A 120 0.46 -23.86 -4.72
N LEU A 121 1.51 -23.04 -4.73
CA LEU A 121 2.23 -22.73 -3.53
C LEU A 121 1.37 -21.92 -2.57
N SER A 122 0.47 -21.09 -3.11
CA SER A 122 -0.49 -20.39 -2.27
C SER A 122 -1.38 -21.37 -1.52
N LYS A 123 -2.01 -22.29 -2.25
CA LYS A 123 -2.89 -23.30 -1.63
C LYS A 123 -2.18 -24.12 -0.55
N ALA A 124 -0.88 -24.37 -0.74
CA ALA A 124 -0.10 -25.24 0.12
C ALA A 124 0.14 -24.64 1.51
N VAL A 125 0.50 -23.36 1.53
CA VAL A 125 0.74 -22.66 2.79
C VAL A 125 -0.53 -22.32 3.60
N LEU A 126 -1.69 -22.40 2.97
CA LEU A 126 -2.93 -21.90 3.56
C LEU A 126 -3.38 -22.78 4.72
N ARG A 127 -3.26 -24.08 4.56
CA ARG A 127 -3.57 -25.02 5.63
C ARG A 127 -3.08 -24.48 7.00
N GLY A 128 -1.78 -24.25 7.11
CA GLY A 128 -1.15 -23.82 8.34
C GLY A 128 -1.52 -22.42 8.78
N MET A 129 -1.68 -21.52 7.83
CA MET A 129 -2.08 -20.15 8.10
C MET A 129 -3.48 -20.02 8.74
N MET A 130 -4.44 -20.75 8.17
CA MET A 130 -5.83 -20.75 8.67
C MET A 130 -6.02 -21.48 9.97
N LYS A 131 -5.13 -22.40 10.29
CA LYS A 131 -5.05 -22.99 11.64
C LYS A 131 -4.64 -21.92 12.68
N LYS A 132 -3.76 -21.01 12.29
CA LYS A 132 -3.30 -19.91 13.14
C LYS A 132 -4.15 -18.64 13.07
N ARG A 133 -5.20 -18.61 12.23
CA ARG A 133 -5.93 -17.37 11.89
C ARG A 133 -5.03 -16.21 11.54
N GLN A 134 -3.88 -16.50 10.93
CA GLN A 134 -2.93 -15.43 10.62
C GLN A 134 -2.02 -15.83 9.49
N GLY A 135 -2.06 -15.04 8.44
CA GLY A 135 -1.14 -15.21 7.34
C GLY A 135 -1.21 -14.08 6.34
N ARG A 136 -0.16 -14.01 5.53
CA ARG A 136 -0.02 -13.00 4.50
C ARG A 136 0.43 -13.71 3.27
N ILE A 137 -0.35 -13.65 2.19
CA ILE A 137 0.15 -14.11 0.89
C ILE A 137 0.20 -12.92 -0.06
N ILE A 138 1.38 -12.69 -0.63
CA ILE A 138 1.62 -11.57 -1.55
C ILE A 138 2.26 -12.09 -2.87
N ASN A 139 1.57 -11.86 -3.98
CA ASN A 139 2.04 -12.27 -5.30
C ASN A 139 2.61 -11.08 -6.01
N VAL A 140 3.88 -11.14 -6.35
CA VAL A 140 4.50 -10.09 -7.13
C VAL A 140 4.38 -10.43 -8.60
N GLY A 141 3.75 -9.55 -9.33
CA GLY A 141 3.52 -9.73 -10.75
C GLY A 141 4.79 -9.42 -11.52
N SER A 142 4.79 -9.82 -12.80
CA SER A 142 5.93 -9.65 -13.68
C SER A 142 6.16 -8.18 -13.93
N VAL A 143 7.43 -7.78 -13.98
CA VAL A 143 7.81 -6.40 -14.32
C VAL A 143 7.60 -6.24 -15.83
N VAL A 144 7.22 -5.04 -16.27
CA VAL A 144 6.79 -4.86 -17.66
C VAL A 144 7.95 -4.87 -18.65
N GLY A 145 7.72 -5.39 -19.85
CA GLY A 145 8.61 -5.20 -20.99
C GLY A 145 8.17 -4.01 -21.83
N ALA A 152 3.63 -9.68 -25.35
CA ALA A 152 3.07 -9.33 -24.06
C ALA A 152 1.84 -10.16 -23.65
N ALA A 153 1.15 -10.71 -24.64
CA ALA A 153 -0.13 -11.40 -24.40
C ALA A 153 -0.02 -12.44 -23.33
N ASN A 154 1.09 -13.17 -23.36
CA ASN A 154 1.35 -14.26 -22.43
C ASN A 154 1.57 -13.72 -21.01
N TYR A 155 2.40 -12.70 -20.87
CA TYR A 155 2.63 -12.09 -19.58
C TYR A 155 1.37 -11.41 -19.04
N ALA A 156 0.64 -10.72 -19.92
CA ALA A 156 -0.61 -10.07 -19.57
C ALA A 156 -1.63 -11.08 -19.08
N ALA A 157 -1.69 -12.23 -19.75
CA ALA A 157 -2.69 -13.21 -19.40
C ALA A 157 -2.43 -13.85 -18.04
N ALA A 158 -1.16 -14.13 -17.77
CA ALA A 158 -0.75 -14.73 -16.50
C ALA A 158 -0.97 -13.74 -15.37
N LYS A 159 -0.51 -12.50 -15.58
CA LYS A 159 -0.60 -11.46 -14.58
C LYS A 159 -2.02 -11.16 -14.15
N ALA A 160 -2.91 -11.06 -15.13
CA ALA A 160 -4.32 -10.85 -14.89
C ALA A 160 -4.93 -12.09 -14.26
N GLY A 161 -4.40 -13.26 -14.59
CA GLY A 161 -4.80 -14.52 -13.92
C GLY A 161 -4.50 -14.56 -12.43
N VAL A 162 -3.30 -14.11 -12.05
CA VAL A 162 -2.89 -14.03 -10.66
C VAL A 162 -3.80 -13.11 -9.87
N ILE A 163 -4.11 -11.93 -10.40
CA ILE A 163 -4.98 -10.99 -9.73
C ILE A 163 -6.33 -11.62 -9.62
N GLY A 164 -6.82 -12.19 -10.71
CA GLY A 164 -8.08 -12.95 -10.70
C GLY A 164 -8.14 -13.92 -9.55
N PHE A 165 -7.13 -14.75 -9.48
CA PHE A 165 -7.04 -15.75 -8.44
C PHE A 165 -6.90 -15.13 -7.02
N THR A 166 -6.01 -14.15 -6.89
CA THR A 166 -5.81 -13.37 -5.65
C THR A 166 -7.13 -12.85 -5.08
N LYS A 167 -7.95 -12.24 -5.93
CA LYS A 167 -9.24 -11.70 -5.46
C LYS A 167 -10.18 -12.81 -4.95
N SER A 168 -10.27 -13.95 -5.65
CA SER A 168 -11.20 -15.04 -5.24
C SER A 168 -10.70 -15.71 -3.95
N MET A 169 -9.41 -16.06 -3.94
CA MET A 169 -8.82 -16.61 -2.74
C MET A 169 -8.94 -15.67 -1.54
N ALA A 170 -8.69 -14.37 -1.76
CA ALA A 170 -8.86 -13.36 -0.71
C ALA A 170 -10.23 -13.45 -0.05
N ARG A 171 -11.28 -13.50 -0.87
CA ARG A 171 -12.65 -13.57 -0.35
C ARG A 171 -12.89 -14.84 0.49
N GLU A 172 -12.39 -15.98 0.01
CA GLU A 172 -12.60 -17.26 0.69
C GLU A 172 -11.94 -17.34 2.06
N VAL A 173 -10.82 -16.66 2.27
CA VAL A 173 -10.01 -16.82 3.48
C VAL A 173 -9.96 -15.63 4.44
N ALA A 174 -10.50 -14.48 4.05
CA ALA A 174 -10.41 -13.31 4.88
C ALA A 174 -10.99 -13.51 6.28
N SER A 175 -12.07 -14.25 6.37
CA SER A 175 -12.68 -14.62 7.65
C SER A 175 -11.72 -15.34 8.63
N ARG A 176 -10.70 -16.01 8.10
CA ARG A 176 -9.74 -16.77 8.89
C ARG A 176 -8.36 -16.11 8.98
N GLY A 177 -8.35 -14.78 8.99
CA GLY A 177 -7.18 -13.99 9.32
C GLY A 177 -6.01 -14.04 8.35
N VAL A 178 -6.27 -14.45 7.11
CA VAL A 178 -5.25 -14.48 6.10
C VAL A 178 -5.60 -13.42 5.10
N THR A 179 -4.62 -12.62 4.69
CA THR A 179 -4.82 -11.70 3.57
C THR A 179 -4.04 -12.16 2.38
N VAL A 180 -4.63 -11.95 1.20
CA VAL A 180 -4.01 -12.32 -0.09
C VAL A 180 -4.03 -11.11 -1.01
N ASN A 181 -2.85 -10.62 -1.38
CA ASN A 181 -2.74 -9.39 -2.17
C ASN A 181 -1.73 -9.53 -3.31
N THR A 182 -1.79 -8.61 -4.28
CA THR A 182 -0.85 -8.58 -5.38
C THR A 182 -0.10 -7.26 -5.36
N VAL A 183 1.22 -7.30 -5.68
CA VAL A 183 1.99 -6.08 -5.98
C VAL A 183 2.36 -6.11 -7.46
N ALA A 184 1.98 -5.08 -8.19
CA ALA A 184 2.16 -5.06 -9.65
C ALA A 184 3.22 -4.02 -10.01
N PRO A 185 4.44 -4.45 -10.31
CA PRO A 185 5.51 -3.50 -10.67
C PRO A 185 5.37 -2.95 -12.06
N GLY A 186 5.93 -1.76 -12.27
CA GLY A 186 5.99 -1.13 -13.59
C GLY A 186 7.28 -1.53 -14.26
N PHE A 187 8.01 -0.53 -14.74
CA PHE A 187 9.33 -0.70 -15.28
C PHE A 187 10.31 -0.48 -14.16
N ILE A 188 11.09 -1.50 -13.88
CA ILE A 188 11.93 -1.53 -12.71
C ILE A 188 13.35 -1.68 -13.19
N GLU A 189 14.27 -0.95 -12.58
CA GLU A 189 15.68 -1.03 -12.92
C GLU A 189 16.24 -2.39 -12.44
N THR A 190 16.64 -3.24 -13.38
CA THR A 190 17.13 -4.60 -13.10
C THR A 190 18.22 -4.98 -14.11
N ASP A 191 18.84 -6.16 -13.90
CA ASP A 191 19.94 -6.67 -14.77
C ASP A 191 19.59 -6.49 -16.25
N MET A 192 18.43 -7.04 -16.63
CA MET A 192 17.91 -6.97 -18.01
C MET A 192 17.71 -5.55 -18.57
N THR A 193 17.15 -4.64 -17.77
CA THR A 193 16.79 -3.28 -18.24
C THR A 193 17.97 -2.40 -18.64
N LYS A 194 19.13 -2.62 -18.02
CA LYS A 194 20.36 -1.96 -18.43
C LYS A 194 20.82 -2.35 -19.84
N ALA A 195 20.45 -3.56 -20.30
CA ALA A 195 20.83 -4.07 -21.63
C ALA A 195 20.18 -3.28 -22.76
N LEU A 196 18.95 -2.83 -22.54
CA LEU A 196 18.23 -2.03 -23.53
C LEU A 196 18.93 -0.68 -23.81
N ASN A 197 19.44 -0.54 -25.05
CA ASN A 197 20.25 0.63 -25.50
C ASN A 197 19.63 2.00 -25.28
N ASP A 198 20.48 3.04 -25.27
CA ASP A 198 20.08 4.43 -25.00
C ASP A 198 18.88 4.93 -25.83
N GLU A 199 18.72 4.36 -27.03
CA GLU A 199 17.50 4.52 -27.82
C GLU A 199 16.29 3.90 -27.09
N GLN A 200 16.33 2.58 -26.92
CA GLN A 200 15.24 1.82 -26.24
C GLN A 200 14.98 2.22 -24.75
N ARG A 201 15.96 2.88 -24.13
CA ARG A 201 15.81 3.46 -22.79
C ARG A 201 14.75 4.56 -22.73
N THR A 202 14.82 5.46 -23.70
CA THR A 202 13.97 6.66 -23.71
C THR A 202 12.50 6.32 -24.01
N ALA A 203 12.26 5.26 -24.78
CA ALA A 203 10.90 4.85 -25.10
C ALA A 203 10.20 4.28 -23.89
N THR A 204 10.99 3.70 -22.98
CA THR A 204 10.52 3.23 -21.68
C THR A 204 10.13 4.42 -20.80
N LEU A 205 11.04 5.37 -20.61
CA LEU A 205 10.77 6.55 -19.79
C LEU A 205 9.59 7.40 -20.33
N ALA A 206 9.47 7.48 -21.66
CA ALA A 206 8.33 8.13 -22.32
C ALA A 206 6.97 7.62 -21.82
N GLN A 207 6.90 6.32 -21.52
CA GLN A 207 5.67 5.67 -21.07
C GLN A 207 5.40 5.82 -19.57
N VAL A 208 6.35 6.34 -18.81
CA VAL A 208 6.21 6.50 -17.35
C VAL A 208 6.09 7.99 -16.98
N PRO A 209 4.97 8.38 -16.34
CA PRO A 209 4.85 9.77 -15.93
C PRO A 209 5.96 10.24 -15.02
N ALA A 210 6.38 9.40 -14.08
CA ALA A 210 7.51 9.76 -13.20
C ALA A 210 8.76 10.18 -13.98
N GLY A 211 8.98 9.59 -15.17
CA GLY A 211 10.17 9.90 -15.96
C GLY A 211 11.40 9.15 -15.49
N ARG A 212 11.18 8.04 -14.79
CA ARG A 212 12.27 7.21 -14.25
C ARG A 212 11.80 5.76 -14.07
N LEU A 213 12.77 4.85 -14.06
CA LEU A 213 12.55 3.47 -13.67
C LEU A 213 12.38 3.40 -12.16
N GLY A 214 11.66 2.38 -11.71
CA GLY A 214 11.48 2.07 -10.31
C GLY A 214 12.61 1.20 -9.79
N ASP A 215 12.84 1.27 -8.50
CA ASP A 215 13.94 0.55 -7.89
C ASP A 215 13.37 -0.76 -7.31
N PRO A 216 14.15 -1.85 -7.32
CA PRO A 216 13.64 -3.05 -6.67
C PRO A 216 13.28 -2.87 -5.18
N ARG A 217 13.94 -1.96 -4.47
CA ARG A 217 13.59 -1.63 -3.07
C ARG A 217 12.15 -1.15 -2.92
N GLU A 218 11.66 -0.48 -3.96
CA GLU A 218 10.32 0.11 -3.97
C GLU A 218 9.24 -0.97 -4.09
N ILE A 219 9.53 -2.03 -4.82
CA ILE A 219 8.68 -3.20 -4.78
C ILE A 219 8.76 -3.86 -3.41
N ALA A 220 9.96 -4.02 -2.88
CA ALA A 220 10.10 -4.61 -1.57
C ALA A 220 9.39 -3.83 -0.45
N SER A 221 9.45 -2.51 -0.52
CA SER A 221 8.67 -1.62 0.39
C SER A 221 7.16 -1.90 0.31
N ALA A 222 6.64 -2.08 -0.90
CA ALA A 222 5.21 -2.37 -1.05
C ALA A 222 4.85 -3.74 -0.49
N VAL A 223 5.71 -4.72 -0.72
CA VAL A 223 5.52 -6.07 -0.18
C VAL A 223 5.54 -6.09 1.35
N ALA A 224 6.53 -5.43 1.95
CA ALA A 224 6.72 -5.47 3.38
C ALA A 224 5.57 -4.78 4.11
N PHE A 225 5.10 -3.68 3.56
CA PHE A 225 3.91 -3.04 4.11
C PHE A 225 2.73 -4.02 4.17
N LEU A 226 2.42 -4.62 3.03
CA LEU A 226 1.31 -5.56 2.98
C LEU A 226 1.51 -6.74 3.90
N ALA A 227 2.76 -7.14 4.09
CA ALA A 227 3.15 -8.20 5.02
C ALA A 227 2.99 -7.86 6.50
N SER A 228 2.89 -6.57 6.84
CA SER A 228 2.89 -6.10 8.22
C SER A 228 1.55 -6.37 8.90
N PRO A 229 1.53 -6.51 10.24
CA PRO A 229 0.29 -6.54 11.05
C PRO A 229 -0.64 -5.35 10.82
N GLU A 230 -0.05 -4.22 10.47
CA GLU A 230 -0.74 -3.02 10.10
C GLU A 230 -1.65 -3.16 8.91
N ALA A 231 -1.36 -4.10 8.00
CA ALA A 231 -2.11 -4.29 6.75
C ALA A 231 -3.17 -5.40 6.81
N ALA A 232 -3.62 -5.73 8.01
CA ALA A 232 -4.53 -6.84 8.24
C ALA A 232 -5.88 -6.68 7.59
N TYR A 233 -6.32 -5.45 7.38
CA TYR A 233 -7.61 -5.15 6.71
C TYR A 233 -7.50 -4.90 5.20
N ILE A 234 -6.30 -5.03 4.67
CA ILE A 234 -6.09 -4.96 3.24
C ILE A 234 -6.11 -6.39 2.71
N THR A 235 -7.06 -6.74 1.85
CA THR A 235 -7.02 -8.04 1.19
C THR A 235 -7.70 -7.94 -0.14
N GLY A 236 -7.21 -8.69 -1.12
CA GLY A 236 -7.81 -8.73 -2.47
C GLY A 236 -7.46 -7.51 -3.29
N GLU A 237 -6.34 -6.86 -2.92
CA GLU A 237 -5.94 -5.60 -3.52
C GLU A 237 -4.78 -5.84 -4.44
N THR A 238 -4.75 -5.07 -5.51
CA THR A 238 -3.62 -5.01 -6.40
C THR A 238 -2.94 -3.69 -6.13
N LEU A 239 -1.73 -3.72 -5.59
CA LEU A 239 -0.99 -2.50 -5.34
C LEU A 239 0.01 -2.26 -6.47
N HIS A 240 -0.24 -1.20 -7.23
CA HIS A 240 0.58 -0.85 -8.38
C HIS A 240 1.72 0.07 -7.98
N VAL A 241 2.93 -0.33 -8.34
CA VAL A 241 4.12 0.46 -8.09
C VAL A 241 4.75 0.76 -9.46
N ASN A 242 4.22 1.75 -10.19
CA ASN A 242 4.59 1.97 -11.58
C ASN A 242 4.89 3.41 -12.03
N GLY A 243 5.00 4.34 -11.08
CA GLY A 243 5.28 5.73 -11.41
C GLY A 243 4.23 6.46 -12.23
N GLY A 244 2.99 5.98 -12.20
CA GLY A 244 1.91 6.51 -13.02
C GLY A 244 1.68 5.84 -14.36
N MET A 245 2.46 4.82 -14.69
CA MET A 245 2.27 4.10 -15.96
C MET A 245 1.17 3.08 -15.73
N TYR A 246 -0.08 3.47 -15.93
CA TYR A 246 -1.22 2.60 -15.65
C TYR A 246 -2.16 2.50 -16.86
N SER B 2 16.77 3.71 12.61
CA SER B 2 16.59 3.33 11.17
C SER B 2 15.99 4.46 10.31
N GLN B 3 16.29 4.42 9.01
CA GLN B 3 15.72 5.36 8.02
C GLN B 3 14.39 4.86 7.42
N PHE B 4 13.86 3.74 7.91
CA PHE B 4 12.66 3.12 7.34
C PHE B 4 11.36 3.86 7.67
N MET B 5 10.81 4.49 6.65
CA MET B 5 9.49 5.12 6.67
C MET B 5 9.43 6.28 7.65
N ASN B 6 10.53 7.00 7.70
CA ASN B 6 10.66 8.09 8.62
C ASN B 6 10.13 9.32 7.93
N LEU B 7 9.30 10.08 8.66
CA LEU B 7 8.74 11.34 8.19
C LEU B 7 9.37 12.57 8.84
N GLU B 8 10.40 12.38 9.66
CA GLU B 8 11.25 13.47 10.13
C GLU B 8 11.66 14.42 9.00
N GLY B 9 11.40 15.71 9.19
CA GLY B 9 11.65 16.72 8.18
C GLY B 9 10.47 17.04 7.29
N LYS B 10 9.36 16.31 7.42
CA LYS B 10 8.16 16.54 6.62
C LYS B 10 7.12 17.29 7.43
N VAL B 11 6.39 18.15 6.72
CA VAL B 11 5.28 18.90 7.26
C VAL B 11 4.04 18.28 6.61
N ALA B 12 3.13 17.76 7.45
CA ALA B 12 1.89 17.12 7.00
C ALA B 12 0.66 17.95 7.34
N LEU B 13 -0.18 18.23 6.35
CA LEU B 13 -1.48 18.87 6.61
C LEU B 13 -2.61 17.84 6.55
N VAL B 14 -3.25 17.57 7.69
CA VAL B 14 -4.35 16.61 7.80
C VAL B 14 -5.68 17.35 8.04
N THR B 15 -6.59 17.31 7.08
CA THR B 15 -7.90 17.96 7.24
C THR B 15 -8.78 17.03 8.02
N GLY B 16 -9.74 17.54 8.78
CA GLY B 16 -10.67 16.68 9.51
C GLY B 16 -10.00 15.91 10.63
N ALA B 17 -9.03 16.55 11.30
CA ALA B 17 -8.17 15.93 12.33
C ALA B 17 -8.72 15.80 13.76
N SER B 18 -9.94 16.30 13.99
CA SER B 18 -10.56 16.31 15.32
C SER B 18 -10.80 14.94 15.95
N ARG B 19 -11.22 13.95 15.15
CA ARG B 19 -11.58 12.63 15.71
C ARG B 19 -11.50 11.49 14.73
N GLY B 20 -11.58 10.28 15.25
CA GLY B 20 -11.63 9.07 14.42
C GLY B 20 -10.46 8.93 13.48
N ILE B 21 -10.76 8.78 12.19
CA ILE B 21 -9.78 8.52 11.14
C ILE B 21 -8.81 9.69 10.96
N GLY B 22 -9.37 10.90 10.87
CA GLY B 22 -8.54 12.11 10.78
C GLY B 22 -7.55 12.23 11.92
N LYS B 23 -8.03 11.96 13.13
CA LYS B 23 -7.20 11.93 14.32
C LYS B 23 -6.17 10.84 14.25
N ALA B 24 -6.63 9.60 14.00
CA ALA B 24 -5.70 8.45 13.96
C ALA B 24 -4.55 8.70 12.96
N ILE B 25 -4.87 9.35 11.83
CA ILE B 25 -3.87 9.70 10.84
C ILE B 25 -2.83 10.66 11.43
N ALA B 26 -3.30 11.82 11.85
CA ALA B 26 -2.46 12.84 12.45
C ALA B 26 -1.53 12.26 13.53
N GLU B 27 -2.06 11.36 14.38
CA GLU B 27 -1.28 10.83 15.48
C GLU B 27 -0.15 9.97 14.95
N LEU B 28 -0.45 9.12 13.97
CA LEU B 28 0.56 8.20 13.41
C LEU B 28 1.62 8.97 12.65
N LEU B 29 1.21 9.97 11.89
CA LEU B 29 2.17 10.74 11.11
C LEU B 29 3.12 11.45 12.09
N ALA B 30 2.58 11.92 13.22
CA ALA B 30 3.40 12.42 14.34
C ALA B 30 4.33 11.35 14.90
N GLU B 31 3.85 10.15 15.22
CA GLU B 31 4.79 9.06 15.63
C GLU B 31 5.91 8.84 14.63
N ARG B 32 5.62 8.93 13.34
CA ARG B 32 6.66 8.74 12.30
C ARG B 32 7.62 9.92 12.12
N GLY B 33 7.39 11.02 12.84
CA GLY B 33 8.32 12.13 12.90
C GLY B 33 7.87 13.36 12.14
N ALA B 34 6.72 13.30 11.49
CA ALA B 34 6.21 14.45 10.75
C ALA B 34 5.77 15.56 11.68
N LYS B 35 5.83 16.78 11.16
CA LYS B 35 5.27 17.96 11.84
C LYS B 35 3.86 18.09 11.32
N VAL B 36 2.89 17.80 12.18
CA VAL B 36 1.50 17.62 11.77
C VAL B 36 0.70 18.88 12.09
N ILE B 37 0.09 19.47 11.07
CA ILE B 37 -0.92 20.47 11.30
C ILE B 37 -2.24 19.81 10.98
N GLY B 38 -3.01 19.51 12.03
CA GLY B 38 -4.36 18.98 11.90
C GLY B 38 -5.37 20.10 11.87
N THR B 39 -6.48 19.92 11.15
CA THR B 39 -7.45 20.99 11.00
C THR B 39 -8.87 20.64 11.39
N ALA B 40 -9.67 21.70 11.60
CA ALA B 40 -11.06 21.62 12.03
C ALA B 40 -11.74 22.83 11.43
N THR B 41 -13.06 22.78 11.28
CA THR B 41 -13.83 23.94 10.77
C THR B 41 -13.95 25.14 11.76
N SER B 42 -13.72 24.88 13.06
CA SER B 42 -13.78 25.89 14.11
C SER B 42 -12.45 26.02 14.87
N GLU B 43 -12.29 27.15 15.55
CA GLU B 43 -11.11 27.43 16.39
C GLU B 43 -11.06 26.57 17.67
N SER B 44 -12.21 26.15 18.19
CA SER B 44 -12.24 25.26 19.36
C SER B 44 -11.72 23.88 19.05
N GLY B 45 -12.14 23.33 17.90
CA GLY B 45 -11.69 22.02 17.45
C GLY B 45 -10.21 22.02 17.15
N ALA B 46 -9.74 23.11 16.55
CA ALA B 46 -8.32 23.37 16.34
C ALA B 46 -7.52 23.35 17.63
N GLN B 47 -8.09 23.88 18.71
CA GLN B 47 -7.45 23.80 20.01
C GLN B 47 -7.36 22.36 20.54
N ALA B 48 -8.43 21.59 20.36
CA ALA B 48 -8.46 20.19 20.80
C ALA B 48 -7.38 19.39 20.09
N ILE B 49 -7.19 19.72 18.81
CA ILE B 49 -6.16 19.13 17.99
C ILE B 49 -4.78 19.51 18.56
N SER B 50 -4.56 20.81 18.80
CA SER B 50 -3.31 21.27 19.40
C SER B 50 -2.97 20.59 20.73
N ASP B 51 -3.98 20.29 21.55
CA ASP B 51 -3.72 19.63 22.82
C ASP B 51 -3.21 18.20 22.65
N TYR B 52 -3.78 17.40 21.73
CA TYR B 52 -3.32 16.01 21.60
C TYR B 52 -1.97 15.89 20.87
N LEU B 53 -1.71 16.77 19.91
CA LEU B 53 -0.43 16.77 19.20
C LEU B 53 0.78 17.26 20.02
N GLY B 54 0.58 18.26 20.89
CA GLY B 54 1.67 18.79 21.72
C GLY B 54 2.81 19.36 20.88
N ASP B 55 4.04 18.92 21.15
CA ASP B 55 5.22 19.45 20.44
C ASP B 55 5.37 18.96 19.01
N ASN B 56 4.58 17.97 18.60
CA ASN B 56 4.69 17.40 17.23
C ASN B 56 3.89 18.15 16.18
N GLY B 57 3.15 19.18 16.59
CA GLY B 57 2.47 20.07 15.67
C GLY B 57 1.41 20.94 16.34
N LYS B 58 0.36 21.29 15.60
CA LYS B 58 -0.73 22.09 16.13
C LYS B 58 -2.01 22.00 15.31
N GLY B 59 -3.08 22.55 15.88
CA GLY B 59 -4.36 22.65 15.23
C GLY B 59 -4.52 24.01 14.61
N MET B 60 -5.17 24.05 13.46
CA MET B 60 -5.59 25.28 12.80
C MET B 60 -7.04 25.18 12.34
N ALA B 61 -7.76 26.31 12.41
CA ALA B 61 -9.11 26.40 11.85
C ALA B 61 -9.04 26.55 10.34
N LEU B 62 -9.89 25.85 9.61
CA LEU B 62 -9.79 25.86 8.15
C LEU B 62 -11.15 25.65 7.54
N ASN B 63 -11.48 26.53 6.60
CA ASN B 63 -12.70 26.44 5.81
C ASN B 63 -12.30 26.19 4.36
N VAL B 64 -12.31 24.92 3.97
CA VAL B 64 -11.96 24.49 2.60
C VAL B 64 -12.83 25.08 1.48
N THR B 65 -14.06 25.47 1.79
CA THR B 65 -14.91 26.15 0.78
C THR B 65 -14.44 27.57 0.44
N ASN B 66 -13.57 28.17 1.26
CA ASN B 66 -13.08 29.54 1.09
C ASN B 66 -11.59 29.61 0.67
N PRO B 67 -11.31 30.07 -0.57
CA PRO B 67 -9.92 30.22 -1.03
C PRO B 67 -9.00 31.12 -0.18
N GLU B 68 -9.56 32.14 0.47
CA GLU B 68 -8.80 33.00 1.37
C GLU B 68 -8.40 32.26 2.66
N SER B 69 -9.31 31.47 3.21
CA SER B 69 -9.02 30.65 4.39
C SER B 69 -7.96 29.60 4.07
N ILE B 70 -7.93 29.13 2.83
CA ILE B 70 -6.87 28.23 2.36
C ILE B 70 -5.55 28.98 2.28
N GLU B 71 -5.56 30.13 1.62
CA GLU B 71 -4.32 30.92 1.40
C GLU B 71 -3.63 31.26 2.74
N ALA B 72 -4.43 31.68 3.71
CA ALA B 72 -3.92 32.14 5.00
C ALA B 72 -3.41 31.02 5.87
N VAL B 73 -4.06 29.86 5.81
CA VAL B 73 -3.56 28.66 6.53
C VAL B 73 -2.20 28.17 5.99
N LEU B 74 -2.07 28.15 4.66
CA LEU B 74 -0.81 27.73 4.01
C LEU B 74 0.33 28.71 4.23
N LYS B 75 0.05 30.01 4.14
CA LYS B 75 1.05 31.04 4.48
C LYS B 75 1.46 30.89 5.94
N ALA B 76 0.49 30.65 6.83
CA ALA B 76 0.80 30.42 8.25
C ALA B 76 1.67 29.19 8.50
N ILE B 77 1.39 28.12 7.76
CA ILE B 77 2.18 26.88 7.87
C ILE B 77 3.55 27.09 7.29
N THR B 78 3.61 27.68 6.10
CA THR B 78 4.89 28.08 5.51
C THR B 78 5.72 28.90 6.51
N ASP B 79 5.09 29.85 7.19
CA ASP B 79 5.77 30.73 8.16
C ASP B 79 6.31 30.05 9.42
N GLU B 80 5.57 29.12 10.02
CA GLU B 80 6.04 28.46 11.26
C GLU B 80 6.80 27.16 10.96
N PHE B 81 6.37 26.41 9.97
CA PHE B 81 6.90 25.07 9.77
C PHE B 81 7.73 24.82 8.52
N GLY B 82 7.47 25.57 7.46
CA GLY B 82 7.91 25.23 6.11
C GLY B 82 6.72 24.77 5.26
N GLY B 83 6.91 24.72 3.95
CA GLY B 83 5.83 24.36 3.04
C GLY B 83 5.34 22.96 3.27
N VAL B 84 4.03 22.76 3.13
CA VAL B 84 3.41 21.46 3.33
C VAL B 84 4.07 20.47 2.39
N ASP B 85 4.57 19.38 2.96
CA ASP B 85 5.14 18.28 2.19
C ASP B 85 4.12 17.16 1.94
N ILE B 86 3.22 16.95 2.89
CA ILE B 86 2.24 15.87 2.80
C ILE B 86 0.88 16.50 3.05
N LEU B 87 -0.05 16.31 2.11
CA LEU B 87 -1.44 16.74 2.29
C LEU B 87 -2.33 15.54 2.43
N VAL B 88 -3.08 15.45 3.52
CA VAL B 88 -4.09 14.41 3.67
C VAL B 88 -5.47 15.05 3.66
N ASN B 89 -6.19 14.90 2.53
CA ASN B 89 -7.57 15.39 2.40
C ASN B 89 -8.59 14.37 2.89
N ASN B 90 -9.18 14.63 4.04
CA ASN B 90 -9.82 13.56 4.81
C ASN B 90 -11.34 13.46 4.76
N ALA B 91 -12.02 14.61 4.70
CA ALA B 91 -13.44 14.70 5.13
C ALA B 91 -14.45 13.74 4.45
N LYS B 103 -32.83 15.14 -2.01
CA LYS B 103 -32.98 16.60 -2.19
C LYS B 103 -31.68 17.23 -2.72
N GLU B 104 -31.77 18.52 -3.06
CA GLU B 104 -30.62 19.28 -3.62
C GLU B 104 -29.57 19.54 -2.56
N GLU B 105 -30.02 19.97 -1.37
CA GLU B 105 -29.16 20.28 -0.23
C GLU B 105 -28.23 19.12 0.17
N GLU B 106 -28.71 17.88 0.14
CA GLU B 106 -27.85 16.72 0.35
C GLU B 106 -26.70 16.72 -0.67
N TRP B 107 -27.06 16.64 -1.95
CA TRP B 107 -26.12 16.56 -3.07
C TRP B 107 -25.03 17.64 -3.08
N SER B 108 -25.41 18.89 -3.32
CA SER B 108 -24.44 19.97 -3.51
C SER B 108 -23.45 20.14 -2.34
N ASP B 109 -23.93 19.81 -1.13
CA ASP B 109 -23.10 19.75 0.09
C ASP B 109 -22.09 18.62 0.05
N ILE B 110 -22.52 17.41 -0.33
CA ILE B 110 -21.60 16.28 -0.49
C ILE B 110 -20.55 16.60 -1.57
N MET B 111 -20.97 17.14 -2.71
CA MET B 111 -20.03 17.45 -3.79
C MET B 111 -19.00 18.50 -3.31
N GLU B 112 -19.43 19.44 -2.47
CA GLU B 112 -18.51 20.45 -1.95
C GLU B 112 -17.55 19.83 -0.92
N THR B 113 -18.08 19.11 0.06
CA THR B 113 -17.28 18.55 1.16
C THR B 113 -16.34 17.44 0.70
N ASN B 114 -16.86 16.53 -0.12
CA ASN B 114 -16.12 15.32 -0.46
C ASN B 114 -15.45 15.35 -1.82
N LEU B 115 -15.48 16.49 -2.52
CA LEU B 115 -14.91 16.54 -3.87
C LEU B 115 -14.25 17.86 -4.22
N THR B 116 -15.04 18.93 -4.27
CA THR B 116 -14.52 20.25 -4.65
C THR B 116 -13.45 20.74 -3.66
N SER B 117 -13.72 20.60 -2.39
CA SER B 117 -12.75 20.96 -1.36
C SER B 117 -11.44 20.17 -1.48
N ILE B 118 -11.56 18.92 -1.91
CA ILE B 118 -10.42 18.04 -2.13
C ILE B 118 -9.60 18.58 -3.33
N PHE B 119 -10.29 18.92 -4.42
CA PHE B 119 -9.65 19.61 -5.57
C PHE B 119 -8.92 20.88 -5.22
N ARG B 120 -9.63 21.75 -4.51
CA ARG B 120 -9.14 23.09 -4.28
C ARG B 120 -7.88 23.02 -3.45
N LEU B 121 -7.95 22.34 -2.32
CA LEU B 121 -6.82 22.29 -1.42
C LEU B 121 -5.66 21.52 -2.02
N SER B 122 -5.94 20.54 -2.85
CA SER B 122 -4.87 19.85 -3.57
C SER B 122 -4.11 20.80 -4.50
N LYS B 123 -4.85 21.51 -5.35
CA LYS B 123 -4.23 22.48 -6.25
C LYS B 123 -3.39 23.52 -5.51
N ALA B 124 -3.85 23.94 -4.33
CA ALA B 124 -3.19 25.01 -3.58
C ALA B 124 -1.79 24.62 -3.09
N VAL B 125 -1.67 23.41 -2.53
CA VAL B 125 -0.37 22.93 -2.01
C VAL B 125 0.64 22.56 -3.09
N LEU B 126 0.18 22.40 -4.32
CA LEU B 126 0.99 21.86 -5.41
C LEU B 126 2.14 22.79 -5.80
N ARG B 127 1.83 24.08 -5.94
CA ARG B 127 2.83 25.11 -6.21
C ARG B 127 4.14 24.81 -5.45
N GLY B 128 4.06 24.73 -4.13
CA GLY B 128 5.22 24.59 -3.27
C GLY B 128 5.88 23.24 -3.37
N MET B 129 5.07 22.21 -3.56
CA MET B 129 5.57 20.85 -3.70
C MET B 129 6.39 20.65 -4.98
N MET B 130 5.90 21.19 -6.08
CA MET B 130 6.62 21.10 -7.37
C MET B 130 7.86 21.97 -7.44
N LYS B 131 7.90 23.02 -6.64
CA LYS B 131 9.14 23.77 -6.48
C LYS B 131 10.24 22.95 -5.81
N LYS B 132 9.85 22.06 -4.90
CA LYS B 132 10.77 21.19 -4.15
C LYS B 132 11.03 19.84 -4.83
N ARG B 133 10.37 19.57 -5.96
CA ARG B 133 10.31 18.23 -6.54
C ARG B 133 10.00 17.12 -5.53
N GLN B 134 9.17 17.43 -4.52
CA GLN B 134 8.82 16.44 -3.51
C GLN B 134 7.50 16.80 -2.81
N GLY B 135 6.53 15.89 -2.91
CA GLY B 135 5.30 16.01 -2.19
C GLY B 135 4.50 14.73 -2.20
N ARG B 136 3.48 14.72 -1.35
CA ARG B 136 2.59 13.61 -1.17
C ARG B 136 1.21 14.21 -0.96
N ILE B 137 0.27 13.90 -1.86
CA ILE B 137 -1.12 14.19 -1.63
C ILE B 137 -1.91 12.88 -1.49
N ILE B 138 -2.59 12.73 -0.37
CA ILE B 138 -3.41 11.52 -0.11
C ILE B 138 -4.85 11.90 0.24
N ASN B 139 -5.79 11.39 -0.56
CA ASN B 139 -7.21 11.66 -0.36
C ASN B 139 -7.83 10.47 0.27
N VAL B 140 -8.39 10.67 1.46
CA VAL B 140 -9.12 9.59 2.13
C VAL B 140 -10.57 9.70 1.75
N GLY B 141 -11.09 8.62 1.17
CA GLY B 141 -12.48 8.59 0.74
C GLY B 141 -13.39 8.37 1.92
N SER B 142 -14.69 8.62 1.68
CA SER B 142 -15.71 8.47 2.71
C SER B 142 -15.81 7.02 3.09
N VAL B 143 -15.99 6.77 4.39
CA VAL B 143 -16.38 5.46 4.93
C VAL B 143 -17.63 4.90 4.23
N VAL B 144 -17.71 3.57 4.09
CA VAL B 144 -18.96 2.91 3.67
C VAL B 144 -19.80 2.74 4.92
N ALA B 153 -25.14 7.12 -2.83
CA ALA B 153 -25.28 7.55 -4.23
C ALA B 153 -24.63 8.92 -4.49
N ASN B 154 -24.93 9.87 -3.63
CA ASN B 154 -24.20 11.11 -3.53
C ASN B 154 -22.77 10.84 -3.08
N TYR B 155 -22.62 9.95 -2.11
CA TYR B 155 -21.28 9.54 -1.64
C TYR B 155 -20.49 8.78 -2.70
N ALA B 156 -21.17 7.90 -3.42
CA ALA B 156 -20.54 7.17 -4.52
C ALA B 156 -20.03 8.12 -5.58
N ALA B 157 -20.81 9.14 -5.91
CA ALA B 157 -20.45 10.07 -6.99
C ALA B 157 -19.26 10.97 -6.61
N ALA B 158 -19.23 11.39 -5.35
CA ALA B 158 -18.10 12.16 -4.84
C ALA B 158 -16.83 11.34 -4.80
N LYS B 159 -16.93 10.15 -4.22
CA LYS B 159 -15.81 9.25 -4.05
C LYS B 159 -15.16 8.84 -5.39
N ALA B 160 -16.00 8.54 -6.36
CA ALA B 160 -15.51 8.22 -7.70
C ALA B 160 -14.92 9.45 -8.37
N GLY B 161 -15.45 10.63 -8.03
CA GLY B 161 -14.91 11.90 -8.50
C GLY B 161 -13.47 12.17 -8.04
N VAL B 162 -13.23 11.95 -6.74
CA VAL B 162 -11.90 12.08 -6.14
C VAL B 162 -10.91 11.15 -6.83
N ILE B 163 -11.26 9.88 -6.98
CA ILE B 163 -10.33 8.93 -7.65
C ILE B 163 -10.10 9.40 -9.08
N GLY B 164 -11.17 9.78 -9.77
CA GLY B 164 -11.10 10.42 -11.10
C GLY B 164 -10.06 11.51 -11.13
N PHE B 165 -10.23 12.46 -10.22
CA PHE B 165 -9.36 13.60 -10.13
C PHE B 165 -7.91 13.20 -9.71
N THR B 166 -7.79 12.35 -8.68
CA THR B 166 -6.51 11.79 -8.24
C THR B 166 -5.68 11.22 -9.40
N LYS B 167 -6.31 10.41 -10.26
CA LYS B 167 -5.60 9.83 -11.39
C LYS B 167 -5.14 10.86 -12.43
N SER B 168 -5.95 11.87 -12.73
CA SER B 168 -5.55 12.87 -13.73
C SER B 168 -4.45 13.80 -13.19
N MET B 169 -4.61 14.23 -11.93
CA MET B 169 -3.59 15.01 -11.27
C MET B 169 -2.27 14.24 -11.12
N ALA B 170 -2.38 12.97 -10.70
CA ALA B 170 -1.20 12.08 -10.59
C ALA B 170 -0.39 12.11 -11.86
N ARG B 171 -1.05 11.90 -13.01
CA ARG B 171 -0.34 11.91 -14.28
C ARG B 171 0.37 13.23 -14.54
N GLU B 172 -0.31 14.36 -14.32
CA GLU B 172 0.24 15.69 -14.59
C GLU B 172 1.46 16.04 -13.77
N VAL B 173 1.59 15.51 -12.56
CA VAL B 173 2.63 15.96 -11.60
C VAL B 173 3.66 14.93 -11.22
N ALA B 174 3.54 13.71 -11.71
CA ALA B 174 4.50 12.66 -11.36
C ALA B 174 5.93 13.00 -11.79
N SER B 175 6.08 13.62 -12.94
CA SER B 175 7.39 14.10 -13.41
C SER B 175 8.10 15.03 -12.43
N ARG B 176 7.34 15.76 -11.61
CA ARG B 176 7.89 16.71 -10.66
C ARG B 176 7.87 16.22 -9.21
N GLY B 177 8.00 14.90 -9.04
CA GLY B 177 8.28 14.32 -7.74
C GLY B 177 7.15 14.35 -6.72
N VAL B 178 5.94 14.57 -7.19
CA VAL B 178 4.80 14.61 -6.29
C VAL B 178 3.97 13.41 -6.63
N THR B 179 3.57 12.63 -5.62
CA THR B 179 2.64 11.54 -5.83
C THR B 179 1.27 11.94 -5.27
N VAL B 180 0.23 11.50 -5.98
CA VAL B 180 -1.17 11.71 -5.61
C VAL B 180 -1.89 10.36 -5.62
N ASN B 181 -2.41 9.98 -4.45
CA ASN B 181 -3.06 8.67 -4.25
C ASN B 181 -4.30 8.77 -3.40
N THR B 182 -5.14 7.74 -3.48
CA THR B 182 -6.38 7.66 -2.70
C THR B 182 -6.32 6.45 -1.79
N VAL B 183 -6.86 6.59 -0.57
CA VAL B 183 -7.11 5.45 0.34
C VAL B 183 -8.62 5.32 0.49
N ALA B 184 -9.17 4.16 0.17
CA ALA B 184 -10.62 3.95 0.13
C ALA B 184 -11.01 3.01 1.25
N PRO B 185 -11.51 3.54 2.38
CA PRO B 185 -11.90 2.67 3.50
C PRO B 185 -13.18 1.91 3.26
N GLY B 186 -13.33 0.81 3.97
CA GLY B 186 -14.56 0.02 3.93
C GLY B 186 -15.47 0.45 5.07
N PHE B 187 -15.88 -0.51 5.87
CA PHE B 187 -16.62 -0.26 7.07
C PHE B 187 -15.64 -0.17 8.23
N ILE B 188 -15.64 0.98 8.90
CA ILE B 188 -14.68 1.30 9.96
C ILE B 188 -15.37 1.61 11.32
N GLU B 189 -14.78 1.14 12.41
CA GLU B 189 -15.32 1.33 13.79
C GLU B 189 -15.21 2.78 14.27
N THR B 190 -16.37 3.44 14.48
CA THR B 190 -16.42 4.87 14.85
C THR B 190 -17.42 5.19 15.96
N ASP B 191 -17.66 6.49 16.19
CA ASP B 191 -18.86 7.00 16.87
C ASP B 191 -20.13 6.38 16.29
N MET B 192 -20.29 6.53 14.97
CA MET B 192 -21.48 6.10 14.21
C MET B 192 -21.93 4.67 14.53
N THR B 193 -20.98 3.73 14.61
CA THR B 193 -21.29 2.29 14.66
C THR B 193 -21.87 1.79 15.99
N LYS B 194 -21.75 2.57 17.08
CA LYS B 194 -22.36 2.24 18.37
C LYS B 194 -23.89 2.38 18.36
N ALA B 195 -24.44 3.06 17.34
CA ALA B 195 -25.89 3.18 17.15
C ALA B 195 -26.49 2.09 16.25
N LEU B 196 -25.64 1.21 15.70
CA LEU B 196 -26.09 0.08 14.87
C LEU B 196 -26.89 -0.91 15.72
N ASN B 197 -28.18 -1.11 15.39
CA ASN B 197 -29.05 -2.02 16.12
C ASN B 197 -28.48 -3.45 16.20
N ASP B 198 -29.08 -4.25 17.09
CA ASP B 198 -28.59 -5.60 17.42
C ASP B 198 -28.09 -6.39 16.20
N GLU B 199 -28.96 -6.53 15.20
CA GLU B 199 -28.66 -7.26 13.96
C GLU B 199 -28.41 -6.35 12.75
N GLN B 200 -28.58 -5.03 12.90
CA GLN B 200 -28.09 -4.06 11.90
C GLN B 200 -26.56 -4.09 11.79
N ARG B 201 -25.87 -4.37 12.90
CA ARG B 201 -24.43 -4.60 12.89
C ARG B 201 -24.12 -5.85 12.05
N THR B 202 -24.74 -6.98 12.43
CA THR B 202 -24.70 -8.26 11.67
C THR B 202 -24.94 -8.08 10.15
N ALA B 203 -25.88 -7.23 9.78
CA ALA B 203 -26.23 -6.97 8.38
C ALA B 203 -25.08 -6.36 7.60
N THR B 204 -24.32 -5.49 8.28
CA THR B 204 -23.14 -4.80 7.71
C THR B 204 -21.93 -5.73 7.61
N LEU B 205 -21.65 -6.49 8.66
CA LEU B 205 -20.61 -7.51 8.63
C LEU B 205 -20.81 -8.50 7.48
N ALA B 206 -22.05 -8.91 7.23
CA ALA B 206 -22.35 -9.89 6.18
C ALA B 206 -21.68 -9.52 4.85
N GLN B 207 -21.59 -8.23 4.57
CA GLN B 207 -20.95 -7.71 3.35
C GLN B 207 -19.42 -7.69 3.37
N VAL B 208 -18.80 -7.75 4.55
CA VAL B 208 -17.34 -7.74 4.71
C VAL B 208 -16.80 -9.15 4.94
N PRO B 209 -16.00 -9.69 4.00
CA PRO B 209 -15.52 -11.07 4.17
C PRO B 209 -14.63 -11.33 5.37
N ALA B 210 -13.90 -10.31 5.80
CA ALA B 210 -13.05 -10.40 6.98
C ALA B 210 -13.83 -10.59 8.28
N GLY B 211 -15.13 -10.33 8.26
CA GLY B 211 -16.00 -10.61 9.41
C GLY B 211 -15.90 -9.62 10.56
N ARG B 212 -15.32 -8.45 10.30
CA ARG B 212 -15.06 -7.43 11.31
C ARG B 212 -15.00 -6.04 10.67
N LEU B 213 -15.22 -5.03 11.51
CA LEU B 213 -15.01 -3.62 11.17
C LEU B 213 -13.52 -3.31 11.23
N GLY B 214 -13.11 -2.39 10.37
CA GLY B 214 -11.73 -1.92 10.34
C GLY B 214 -11.52 -0.86 11.40
N ASP B 215 -10.27 -0.69 11.81
CA ASP B 215 -9.92 0.25 12.87
C ASP B 215 -9.42 1.53 12.18
N PRO B 216 -9.69 2.70 12.78
CA PRO B 216 -9.13 3.92 12.20
C PRO B 216 -7.59 3.89 12.04
N ARG B 217 -6.88 3.22 12.94
CA ARG B 217 -5.43 3.03 12.83
C ARG B 217 -5.01 2.40 11.50
N GLU B 218 -5.86 1.50 10.98
CA GLU B 218 -5.58 0.77 9.74
C GLU B 218 -5.68 1.68 8.51
N ILE B 219 -6.57 2.64 8.56
CA ILE B 219 -6.59 3.71 7.55
C ILE B 219 -5.36 4.57 7.67
N ALA B 220 -5.00 4.93 8.91
CA ALA B 220 -3.83 5.75 9.14
C ALA B 220 -2.54 5.05 8.70
N SER B 221 -2.45 3.74 8.92
CA SER B 221 -1.32 2.94 8.43
C SER B 221 -1.15 3.00 6.93
N ALA B 222 -2.24 2.92 6.18
CA ALA B 222 -2.21 3.00 4.73
C ALA B 222 -1.76 4.39 4.29
N VAL B 223 -2.33 5.43 4.89
CA VAL B 223 -1.94 6.83 4.62
C VAL B 223 -0.44 7.07 4.86
N ALA B 224 0.06 6.64 6.01
CA ALA B 224 1.45 6.86 6.39
C ALA B 224 2.41 6.14 5.50
N PHE B 225 2.07 4.94 5.05
CA PHE B 225 2.86 4.26 4.04
C PHE B 225 2.99 5.07 2.76
N LEU B 226 1.86 5.42 2.20
CA LEU B 226 1.86 6.18 0.96
C LEU B 226 2.59 7.51 1.13
N ALA B 227 2.48 8.11 2.32
CA ALA B 227 3.24 9.32 2.68
C ALA B 227 4.77 9.14 2.74
N SER B 228 5.26 7.91 2.88
CA SER B 228 6.68 7.67 3.12
C SER B 228 7.50 7.93 1.86
N PRO B 229 8.78 8.31 2.00
CA PRO B 229 9.76 8.27 0.87
C PRO B 229 9.80 6.93 0.13
N GLU B 230 9.49 5.83 0.83
CA GLU B 230 9.43 4.49 0.27
C GLU B 230 8.37 4.32 -0.85
N ALA B 231 7.31 5.13 -0.79
CA ALA B 231 6.19 5.06 -1.71
C ALA B 231 6.29 6.07 -2.88
N ALA B 232 7.51 6.50 -3.20
CA ALA B 232 7.73 7.49 -4.24
C ALA B 232 7.28 7.04 -5.63
N TYR B 233 7.32 5.74 -5.91
CA TYR B 233 6.91 5.24 -7.22
C TYR B 233 5.44 4.76 -7.27
N ILE B 234 4.69 5.01 -6.21
CA ILE B 234 3.27 4.74 -6.18
C ILE B 234 2.58 6.07 -6.44
N THR B 235 1.89 6.19 -7.55
CA THR B 235 1.03 7.36 -7.76
C THR B 235 -0.17 6.98 -8.58
N GLY B 236 -1.28 7.66 -8.38
CA GLY B 236 -2.52 7.41 -9.12
C GLY B 236 -3.17 6.10 -8.71
N GLU B 237 -2.93 5.69 -7.47
CA GLU B 237 -3.43 4.44 -6.97
C GLU B 237 -4.62 4.69 -6.04
N THR B 238 -5.54 3.73 -6.02
CA THR B 238 -6.57 3.66 -5.03
C THR B 238 -6.21 2.47 -4.12
N LEU B 239 -5.92 2.74 -2.85
CA LEU B 239 -5.61 1.69 -1.90
C LEU B 239 -6.81 1.44 -1.03
N HIS B 240 -7.43 0.29 -1.23
CA HIS B 240 -8.62 -0.11 -0.52
C HIS B 240 -8.26 -0.82 0.77
N VAL B 241 -8.84 -0.33 1.86
CA VAL B 241 -8.66 -0.94 3.15
C VAL B 241 -10.04 -1.39 3.60
N ASN B 242 -10.52 -2.53 3.11
CA ASN B 242 -11.93 -2.87 3.35
C ASN B 242 -12.26 -4.28 3.85
N GLY B 243 -11.26 -5.05 4.26
CA GLY B 243 -11.50 -6.43 4.65
C GLY B 243 -12.11 -7.33 3.58
N GLY B 244 -11.89 -7.00 2.31
CA GLY B 244 -12.48 -7.75 1.18
C GLY B 244 -13.83 -7.33 0.59
N MET B 245 -14.30 -6.14 0.90
CA MET B 245 -15.67 -5.72 0.55
C MET B 245 -15.96 -5.58 -0.96
N TYR B 246 -15.24 -4.64 -1.58
CA TYR B 246 -15.35 -4.25 -3.00
C TYR B 246 -16.76 -4.41 -3.60
C1 GOL C . -14.51 30.45 9.74
O1 GOL C . -13.09 30.28 9.90
C2 GOL C . -14.88 30.54 8.26
O2 GOL C . -16.27 30.27 8.02
C3 GOL C . -14.56 31.92 7.68
O3 GOL C . -14.09 31.77 6.34
#